data_4M7C
#
_entry.id   4M7C
#
_cell.length_a   32.591
_cell.length_b   69.183
_cell.length_c   118.078
_cell.angle_alpha   90.000
_cell.angle_beta   94.730
_cell.angle_gamma   90.000
#
_symmetry.space_group_name_H-M   'P 1 21 1'
#
loop_
_entity.id
_entity.type
_entity.pdbx_description
1 polymer 'Telomeric repeat-binding factor 2'
2 polymer 'Peptide from Structure-specific endonuclease subunit SLX4'
3 water water
#
loop_
_entity_poly.entity_id
_entity_poly.type
_entity_poly.pdbx_seq_one_letter_code
_entity_poly.pdbx_strand_id
1 'polypeptide(L)'
;EARLEEAVNRWVLKFYFHEALRAFRGSRYGDFRQIRDIMQALLVRPLGKEHTVSRLLRVMQCLSRIEEGENLDCSFDMEA
ELTPLESAINVLEMIKTEFTLTEAVVESSRKLVKEAAVIICIKNKEFEKASKILKKHMSKDPTTQKLRNDLLNIIREKNL
AHPVIQNFSYETFQQKMLRFLESHLDDAEPYLLTMAKKAL
;
A,B
2 'polypeptide(L)' SRGLEVSHRLAPW C,D
#
# COMPACT_ATOMS: atom_id res chain seq x y z
N ALA A 2 -1.21 -15.94 -18.83
CA ALA A 2 -1.54 -15.45 -17.47
C ALA A 2 -2.39 -16.46 -16.70
N ARG A 3 -1.99 -16.74 -15.46
CA ARG A 3 -2.76 -17.59 -14.58
C ARG A 3 -3.85 -16.77 -13.90
N LEU A 4 -4.67 -17.41 -13.07
CA LEU A 4 -5.91 -16.78 -12.60
C LEU A 4 -5.71 -15.49 -11.79
N GLU A 5 -4.92 -15.53 -10.72
CA GLU A 5 -4.69 -14.32 -9.93
C GLU A 5 -3.90 -13.29 -10.73
N GLU A 6 -2.97 -13.75 -11.54
CA GLU A 6 -2.16 -12.90 -12.40
C GLU A 6 -3.03 -12.08 -13.35
N ALA A 7 -4.01 -12.75 -13.96
CA ALA A 7 -4.96 -12.09 -14.88
C ALA A 7 -5.67 -10.94 -14.19
N VAL A 8 -6.15 -11.16 -12.97
CA VAL A 8 -6.86 -10.10 -12.24
C VAL A 8 -5.89 -9.01 -11.82
N ASN A 9 -4.75 -9.38 -11.25
CA ASN A 9 -3.74 -8.40 -10.84
C ASN A 9 -3.33 -7.50 -12.00
N ARG A 10 -3.23 -8.06 -13.20
CA ARG A 10 -2.92 -7.28 -14.41
C ARG A 10 -4.01 -6.25 -14.73
N TRP A 11 -5.27 -6.68 -14.70
CA TRP A 11 -6.40 -5.77 -14.88
C TRP A 11 -6.37 -4.64 -13.85
N VAL A 12 -6.12 -5.00 -12.59
CA VAL A 12 -6.06 -4.05 -11.51
C VAL A 12 -4.94 -3.06 -11.74
N LEU A 13 -3.74 -3.57 -12.03
CA LEU A 13 -2.57 -2.72 -12.28
C LEU A 13 -2.82 -1.72 -13.40
N LYS A 14 -3.38 -2.21 -14.51
CA LYS A 14 -3.64 -1.36 -15.67
C LYS A 14 -4.75 -0.36 -15.42
N PHE A 15 -5.75 -0.74 -14.63
CA PHE A 15 -6.81 0.21 -14.29
C PHE A 15 -6.28 1.38 -13.48
N TYR A 16 -5.45 1.08 -12.47
CA TYR A 16 -4.87 2.13 -11.64
C TYR A 16 -3.83 2.94 -12.39
N PHE A 17 -3.11 2.29 -13.31
CA PHE A 17 -2.20 3.02 -14.19
C PHE A 17 -2.97 4.09 -14.97
N HIS A 18 -4.09 3.67 -15.57
CA HIS A 18 -4.94 4.58 -16.33
C HIS A 18 -5.45 5.74 -15.45
N GLU A 19 -5.92 5.40 -14.25
CA GLU A 19 -6.43 6.39 -13.30
C GLU A 19 -5.34 7.34 -12.82
N ALA A 20 -4.13 6.80 -12.65
CA ALA A 20 -2.97 7.60 -12.25
C ALA A 20 -2.63 8.64 -13.32
N LEU A 21 -2.56 8.20 -14.57
CA LEU A 21 -2.30 9.11 -15.69
C LEU A 21 -3.37 10.20 -15.74
N ARG A 22 -4.62 9.78 -15.55
CA ARG A 22 -5.76 10.69 -15.59
C ARG A 22 -5.70 11.72 -14.47
N ALA A 23 -5.31 11.28 -13.29
CA ALA A 23 -5.13 12.16 -12.14
C ALA A 23 -4.01 13.17 -12.42
N PHE A 24 -2.87 12.68 -12.89
CA PHE A 24 -1.73 13.52 -13.20
C PHE A 24 -2.12 14.57 -14.25
N ARG A 25 -2.86 14.15 -15.27
CA ARG A 25 -3.29 15.03 -16.35
C ARG A 25 -4.18 16.18 -15.89
N GLY A 26 -4.98 15.93 -14.85
CA GLY A 26 -5.85 16.96 -14.30
C GLY A 26 -5.23 17.72 -13.13
N SER A 27 -3.94 17.52 -12.92
CA SER A 27 -3.20 18.16 -11.81
C SER A 27 -3.72 17.75 -10.43
N ARG A 28 -4.28 16.54 -10.35
CA ARG A 28 -4.75 15.96 -9.10
C ARG A 28 -3.64 15.09 -8.54
N TYR A 29 -2.57 15.74 -8.08
CA TYR A 29 -1.38 14.99 -7.68
C TYR A 29 -1.62 14.18 -6.41
N GLY A 30 -2.52 14.66 -5.56
CA GLY A 30 -2.91 13.94 -4.36
C GLY A 30 -3.50 12.58 -4.72
N ASP A 31 -4.46 12.58 -5.63
CA ASP A 31 -5.04 11.33 -6.15
C ASP A 31 -3.98 10.47 -6.81
N PHE A 32 -3.06 11.09 -7.54
CA PHE A 32 -1.97 10.37 -8.17
C PHE A 32 -1.13 9.60 -7.15
N ARG A 33 -0.74 10.27 -6.06
CA ARG A 33 0.10 9.64 -5.03
C ARG A 33 -0.61 8.45 -4.39
N GLN A 34 -1.92 8.59 -4.17
CA GLN A 34 -2.72 7.53 -3.56
C GLN A 34 -2.76 6.30 -4.45
N ILE A 35 -3.03 6.52 -5.74
CA ILE A 35 -3.05 5.45 -6.73
C ILE A 35 -1.67 4.83 -6.86
N ARG A 36 -0.65 5.68 -6.86
CA ARG A 36 0.74 5.22 -6.86
C ARG A 36 0.97 4.21 -5.74
N ASP A 37 0.50 4.54 -4.54
CA ASP A 37 0.69 3.67 -3.38
C ASP A 37 -0.01 2.32 -3.50
N ILE A 38 -1.18 2.30 -4.13
CA ILE A 38 -1.89 1.05 -4.42
C ILE A 38 -1.06 0.19 -5.38
N MET A 39 -0.57 0.81 -6.45
CA MET A 39 0.24 0.11 -7.45
C MET A 39 1.54 -0.42 -6.86
N GLN A 40 2.15 0.36 -5.96
CA GLN A 40 3.35 -0.09 -5.25
C GLN A 40 3.06 -1.36 -4.45
N ALA A 41 1.92 -1.37 -3.75
CA ALA A 41 1.50 -2.53 -2.97
C ALA A 41 1.28 -3.77 -3.85
N LEU A 42 0.77 -3.54 -5.06
CA LEU A 42 0.50 -4.61 -6.02
C LEU A 42 1.74 -5.34 -6.52
N LEU A 43 2.87 -4.64 -6.50
CA LEU A 43 4.10 -5.14 -7.12
C LEU A 43 4.66 -6.41 -6.47
N VAL A 44 4.22 -6.71 -5.26
CA VAL A 44 4.66 -7.94 -4.59
C VAL A 44 3.84 -9.16 -5.02
N ARG A 45 2.72 -8.92 -5.69
CA ARG A 45 1.83 -9.99 -6.15
C ARG A 45 2.21 -10.49 -7.55
N PRO A 46 1.90 -11.76 -7.86
CA PRO A 46 2.11 -12.28 -9.22
C PRO A 46 1.37 -11.47 -10.28
N LEU A 47 2.11 -11.02 -11.28
CA LEU A 47 1.55 -10.19 -12.35
C LEU A 47 1.83 -10.84 -13.69
N GLY A 48 2.61 -11.91 -13.66
CA GLY A 48 3.13 -12.53 -14.88
C GLY A 48 3.87 -11.47 -15.67
N LYS A 49 4.75 -10.74 -15.00
CA LYS A 49 5.44 -9.60 -15.61
C LYS A 49 6.13 -9.98 -16.91
N GLU A 50 5.88 -9.18 -17.92
CA GLU A 50 6.59 -9.25 -19.17
C GLU A 50 7.05 -7.84 -19.54
N HIS A 51 7.22 -7.59 -20.84
CA HIS A 51 7.74 -6.30 -21.29
C HIS A 51 6.72 -5.16 -21.27
N THR A 52 5.44 -5.47 -21.48
CA THR A 52 4.40 -4.43 -21.45
C THR A 52 4.02 -4.01 -20.02
N VAL A 53 4.14 -4.92 -19.07
CA VAL A 53 3.98 -4.55 -17.66
C VAL A 53 5.20 -3.72 -17.24
N SER A 54 6.39 -4.19 -17.61
CA SER A 54 7.64 -3.47 -17.36
C SER A 54 7.61 -2.04 -17.92
N ARG A 55 7.07 -1.89 -19.12
CA ARG A 55 6.93 -0.58 -19.78
C ARG A 55 6.04 0.38 -18.99
N LEU A 56 4.85 -0.10 -18.66
CA LEU A 56 3.88 0.64 -17.85
C LEU A 56 4.51 1.11 -16.55
N LEU A 57 5.27 0.22 -15.92
CA LEU A 57 5.87 0.52 -14.62
C LEU A 57 7.02 1.52 -14.71
N ARG A 58 7.78 1.48 -15.82
CA ARG A 58 8.83 2.47 -16.05
C ARG A 58 8.23 3.87 -16.18
N VAL A 59 7.16 3.97 -16.95
CA VAL A 59 6.44 5.23 -17.11
C VAL A 59 5.90 5.72 -15.76
N MET A 60 5.23 4.83 -15.03
CA MET A 60 4.74 5.13 -13.70
C MET A 60 5.88 5.55 -12.76
N GLN A 61 7.02 4.87 -12.87
CA GLN A 61 8.22 5.22 -12.09
C GLN A 61 8.66 6.64 -12.37
N CYS A 62 8.67 7.02 -13.65
CA CYS A 62 9.14 8.34 -14.06
C CYS A 62 8.21 9.43 -13.52
N LEU A 63 6.92 9.25 -13.70
CA LEU A 63 5.92 10.20 -13.23
C LEU A 63 5.94 10.36 -11.71
N SER A 64 6.15 9.26 -10.99
CA SER A 64 6.19 9.27 -9.52
C SER A 64 7.36 10.10 -9.02
N ARG A 65 8.51 9.96 -9.69
CA ARG A 65 9.69 10.72 -9.36
C ARG A 65 9.52 12.22 -9.69
N ILE A 66 8.88 12.50 -10.82
CA ILE A 66 8.54 13.89 -11.19
C ILE A 66 7.54 14.53 -10.21
N GLU A 67 6.54 13.77 -9.78
CA GLU A 67 5.53 14.28 -8.85
C GLU A 67 6.14 14.60 -7.49
N GLU A 68 7.21 13.91 -7.12
CA GLU A 68 7.93 14.15 -5.88
C GLU A 68 9.14 15.07 -6.11
N GLY A 69 9.27 15.58 -7.32
CA GLY A 69 10.48 16.29 -7.75
C GLY A 69 10.87 17.54 -6.99
N GLU A 70 9.87 18.25 -6.46
CA GLU A 70 10.11 19.47 -5.70
C GLU A 70 10.51 19.15 -4.26
N ASN A 71 10.35 17.89 -3.88
CA ASN A 71 10.67 17.45 -2.53
C ASN A 71 12.07 16.82 -2.48
N LEU A 72 13.05 17.62 -2.12
CA LEU A 72 14.45 17.17 -2.08
C LEU A 72 14.74 16.31 -0.87
N ASP A 73 13.82 16.30 0.09
CA ASP A 73 13.94 15.48 1.30
C ASP A 73 13.72 13.98 1.06
N CYS A 74 13.07 13.62 -0.04
CA CYS A 74 12.78 12.22 -0.31
C CYS A 74 13.69 11.60 -1.38
N SER A 75 13.81 10.28 -1.33
CA SER A 75 14.76 9.55 -2.16
C SER A 75 14.14 8.27 -2.72
N PHE A 76 14.52 7.92 -3.94
CA PHE A 76 14.01 6.73 -4.63
C PHE A 76 15.08 5.66 -4.81
N ASP A 77 16.34 6.03 -4.62
CA ASP A 77 17.43 5.08 -4.79
C ASP A 77 17.98 4.56 -3.46
N MET A 78 18.57 3.37 -3.51
CA MET A 78 19.04 2.64 -2.33
C MET A 78 19.82 3.51 -1.34
N GLU A 79 20.79 4.27 -1.85
CA GLU A 79 21.55 5.22 -1.05
C GLU A 79 20.84 6.56 -1.08
N GLU A 81 20.88 9.49 -1.76
CA GLU A 81 21.87 10.40 -2.33
C GLU A 81 21.38 11.09 -3.60
N LEU A 82 20.41 10.49 -4.27
CA LEU A 82 19.85 11.07 -5.49
C LEU A 82 18.58 11.85 -5.20
N THR A 83 18.49 13.05 -5.78
CA THR A 83 17.24 13.79 -5.73
C THR A 83 16.22 13.10 -6.64
N PRO A 84 14.90 13.29 -6.38
CA PRO A 84 13.88 12.65 -7.19
C PRO A 84 14.03 12.87 -8.70
N LEU A 85 14.35 14.09 -9.12
CA LEU A 85 14.50 14.38 -10.55
C LEU A 85 15.74 13.74 -11.18
N GLU A 86 16.77 13.52 -10.37
CA GLU A 86 17.94 12.75 -10.82
C GLU A 86 17.54 11.30 -11.08
N SER A 87 16.70 10.77 -10.19
CA SER A 87 16.16 9.42 -10.37
C SER A 87 15.27 9.37 -11.62
N ALA A 88 14.53 10.45 -11.87
CA ALA A 88 13.68 10.54 -13.04
C ALA A 88 14.51 10.48 -14.32
N ILE A 89 15.67 11.12 -14.31
CA ILE A 89 16.64 11.03 -15.40
C ILE A 89 17.04 9.59 -15.66
N ASN A 90 17.43 8.89 -14.59
CA ASN A 90 17.76 7.45 -14.67
C ASN A 90 16.65 6.64 -15.30
N VAL A 91 15.43 6.86 -14.82
CA VAL A 91 14.25 6.13 -15.33
C VAL A 91 14.02 6.42 -16.81
N LEU A 92 14.28 7.65 -17.22
CA LEU A 92 14.11 8.05 -18.62
C LEU A 92 14.99 7.23 -19.57
N GLU A 93 16.20 6.90 -19.14
CA GLU A 93 17.10 6.05 -19.92
C GLU A 93 16.53 4.63 -20.08
N MET A 94 15.87 4.14 -19.04
CA MET A 94 15.22 2.83 -19.09
C MET A 94 14.00 2.87 -20.01
N ILE A 95 13.26 3.97 -19.98
CA ILE A 95 12.13 4.19 -20.89
C ILE A 95 12.61 4.17 -22.34
N LYS A 96 13.74 4.82 -22.60
CA LYS A 96 14.33 4.84 -23.94
C LYS A 96 14.65 3.43 -24.43
N THR A 97 15.19 2.60 -23.53
CA THR A 97 15.54 1.22 -23.85
C THR A 97 14.30 0.36 -24.07
N GLU A 98 13.38 0.40 -23.12
CA GLU A 98 12.23 -0.50 -23.12
C GLU A 98 11.13 -0.09 -24.12
N PHE A 99 11.14 1.16 -24.54
CA PHE A 99 10.25 1.61 -25.61
C PHE A 99 10.99 1.73 -26.94
N THR A 100 12.28 1.39 -26.92
CA THR A 100 13.17 1.47 -28.08
C THR A 100 13.04 2.82 -28.81
N LEU A 101 13.37 3.89 -28.11
CA LEU A 101 13.23 5.24 -28.66
C LEU A 101 14.56 5.75 -29.21
N THR A 102 14.49 6.65 -30.19
CA THR A 102 15.69 7.29 -30.71
C THR A 102 16.21 8.30 -29.70
N GLU A 103 17.50 8.60 -29.78
CA GLU A 103 18.09 9.65 -28.96
C GLU A 103 17.39 10.97 -29.25
N ALA A 104 17.10 11.22 -30.52
CA ALA A 104 16.41 12.44 -30.95
C ALA A 104 15.07 12.66 -30.25
N VAL A 105 14.29 11.58 -30.11
CA VAL A 105 12.96 11.67 -29.51
C VAL A 105 13.01 11.98 -28.02
N VAL A 106 14.00 11.42 -27.31
CA VAL A 106 14.09 11.57 -25.86
C VAL A 106 14.95 12.74 -25.41
N GLU A 107 15.79 13.27 -26.31
CA GLU A 107 16.75 14.31 -25.95
C GLU A 107 16.09 15.56 -25.39
N SER A 108 15.02 16.03 -26.03
CA SER A 108 14.35 17.26 -25.59
C SER A 108 13.71 17.09 -24.23
N SER A 109 13.17 15.90 -23.95
CA SER A 109 12.55 15.63 -22.66
C SER A 109 13.59 15.41 -21.57
N ARG A 110 14.69 14.73 -21.93
CA ARG A 110 15.80 14.58 -20.99
C ARG A 110 16.32 15.95 -20.58
N LYS A 111 16.43 16.86 -21.55
CA LYS A 111 16.84 18.23 -21.30
C LYS A 111 15.94 18.95 -20.28
N LEU A 112 14.62 18.77 -20.43
CA LEU A 112 13.64 19.37 -19.53
C LEU A 112 13.83 18.89 -18.10
N VAL A 113 14.01 17.58 -17.92
CA VAL A 113 14.22 16.99 -16.60
C VAL A 113 15.53 17.47 -16.00
N LYS A 114 16.59 17.47 -16.81
CA LYS A 114 17.89 17.94 -16.36
C LYS A 114 17.82 19.39 -15.91
N GLU A 115 17.17 20.24 -16.72
CA GLU A 115 16.98 21.65 -16.37
C GLU A 115 16.20 21.80 -15.07
N ALA A 116 15.12 21.03 -14.94
CA ALA A 116 14.29 21.06 -13.74
C ALA A 116 15.05 20.57 -12.51
N ALA A 117 15.85 19.52 -12.67
CA ALA A 117 16.63 18.97 -11.56
C ALA A 117 17.56 20.00 -10.93
N VAL A 118 18.24 20.76 -11.79
CA VAL A 118 19.16 21.81 -11.35
C VAL A 118 18.39 22.98 -10.75
N ILE A 119 17.33 23.42 -11.42
CA ILE A 119 16.57 24.60 -11.00
C ILE A 119 15.88 24.41 -9.64
N ILE A 120 15.30 23.23 -9.42
CA ILE A 120 14.67 22.92 -8.13
C ILE A 120 15.69 22.99 -6.98
N CYS A 121 16.89 22.47 -7.22
CA CYS A 121 17.97 22.58 -6.25
C CYS A 121 18.32 24.05 -5.97
N ILE A 122 18.42 24.85 -7.03
CA ILE A 122 18.71 26.29 -6.89
C ILE A 122 17.62 27.00 -6.07
N LYS A 123 16.35 26.67 -6.35
CA LYS A 123 15.22 27.26 -5.63
C LYS A 123 15.23 26.90 -4.14
N ASN A 124 15.75 25.72 -3.81
CA ASN A 124 15.91 25.31 -2.41
C ASN A 124 17.24 25.76 -1.82
N LYS A 125 17.95 26.61 -2.56
CA LYS A 125 19.29 27.08 -2.19
C LYS A 125 20.27 25.93 -1.95
N GLU A 126 20.04 24.81 -2.62
CA GLU A 126 20.93 23.67 -2.57
C GLU A 126 21.93 23.79 -3.70
N PHE A 127 22.86 24.72 -3.56
CA PHE A 127 23.74 25.10 -4.64
C PHE A 127 24.75 24.02 -5.01
N GLU A 128 25.27 23.34 -4.00
CA GLU A 128 26.21 22.24 -4.22
C GLU A 128 25.55 21.09 -4.97
N LYS A 129 24.30 20.75 -4.59
CA LYS A 129 23.55 19.72 -5.30
C LYS A 129 23.31 20.11 -6.76
N ALA A 130 22.87 21.35 -6.97
CA ALA A 130 22.67 21.88 -8.31
C ALA A 130 23.95 21.77 -9.14
N SER A 131 25.08 22.16 -8.54
CA SER A 131 26.39 22.08 -9.19
C SER A 131 26.73 20.66 -9.63
N LYS A 132 26.58 19.70 -8.71
CA LYS A 132 26.84 18.30 -9.01
C LYS A 132 25.97 17.80 -10.15
N ILE A 133 24.67 18.10 -10.09
CA ILE A 133 23.73 17.65 -11.12
C ILE A 133 24.07 18.30 -12.47
N LEU A 134 24.40 19.59 -12.45
CA LEU A 134 24.77 20.31 -13.66
C LEU A 134 26.03 19.71 -14.29
N LYS A 135 27.02 19.42 -13.46
CA LYS A 135 28.26 18.78 -13.90
C LYS A 135 27.97 17.39 -14.49
N LYS A 136 27.22 16.60 -13.75
CA LYS A 136 26.96 15.19 -14.08
C LYS A 136 26.15 14.99 -15.35
N HIS A 137 25.18 15.88 -15.60
CA HIS A 137 24.18 15.62 -16.64
C HIS A 137 24.19 16.61 -17.82
N MET A 138 24.72 17.81 -17.61
CA MET A 138 24.79 18.80 -18.68
C MET A 138 26.22 19.03 -19.15
N PRO A 142 26.59 21.03 -26.56
CA PRO A 142 26.87 22.05 -27.56
C PRO A 142 25.59 22.65 -28.15
N THR A 143 24.48 22.47 -27.42
CA THR A 143 23.19 22.99 -27.85
C THR A 143 22.52 23.76 -26.72
N THR A 144 22.58 23.22 -25.52
CA THR A 144 22.08 23.89 -24.33
C THR A 144 23.21 24.73 -23.72
N GLN A 145 24.02 25.32 -24.59
CA GLN A 145 25.16 26.14 -24.18
C GLN A 145 24.72 27.32 -23.33
N LYS A 146 23.84 28.16 -23.88
CA LYS A 146 23.33 29.34 -23.19
C LYS A 146 22.73 28.99 -21.82
N LEU A 147 21.93 27.94 -21.77
CA LEU A 147 21.26 27.53 -20.53
C LEU A 147 22.22 27.04 -19.46
N ARG A 148 23.11 26.11 -19.80
CA ARG A 148 24.02 25.56 -18.80
C ARG A 148 25.08 26.58 -18.37
N ASN A 149 25.35 27.55 -19.23
CA ASN A 149 26.19 28.68 -18.86
C ASN A 149 25.45 29.68 -17.98
N ASP A 150 24.16 29.85 -18.25
CA ASP A 150 23.30 30.64 -17.38
C ASP A 150 23.17 29.97 -16.01
N LEU A 151 22.98 28.66 -16.03
CA LEU A 151 22.86 27.89 -14.78
C LEU A 151 24.18 27.85 -14.01
N LEU A 152 25.30 27.67 -14.72
CA LEU A 152 26.63 27.73 -14.10
C LEU A 152 26.86 29.07 -13.40
N ASN A 153 26.47 30.16 -14.05
CA ASN A 153 26.57 31.49 -13.48
C ASN A 153 25.56 31.76 -12.36
N ILE A 154 24.36 31.19 -12.48
CA ILE A 154 23.35 31.30 -11.43
C ILE A 154 23.82 30.63 -10.14
N ILE A 155 24.40 29.44 -10.28
CA ILE A 155 24.91 28.69 -9.13
C ILE A 155 26.10 29.41 -8.49
N ARG A 156 27.07 29.76 -9.34
CA ARG A 156 28.28 30.46 -8.89
C ARG A 156 27.97 31.73 -8.10
N GLU A 157 26.94 32.47 -8.55
CA GLU A 157 26.59 33.76 -7.96
C GLU A 157 25.42 33.68 -6.99
N LYS A 158 24.90 32.46 -6.78
CA LYS A 158 23.73 32.22 -5.93
C LYS A 158 22.56 33.14 -6.30
N ASN A 159 22.34 33.27 -7.59
CA ASN A 159 21.42 34.25 -8.16
C ASN A 159 20.01 33.69 -8.36
N LEU A 160 19.23 33.71 -7.29
CA LEU A 160 17.84 33.24 -7.31
C LEU A 160 16.93 34.14 -8.13
N ALA A 161 17.37 35.37 -8.37
CA ALA A 161 16.56 36.38 -9.04
C ALA A 161 16.55 36.25 -10.56
N HIS A 162 17.52 35.51 -11.11
CA HIS A 162 17.67 35.33 -12.56
C HIS A 162 16.35 34.89 -13.22
N PRO A 163 16.06 35.44 -14.42
CA PRO A 163 14.87 35.09 -15.21
C PRO A 163 14.72 33.58 -15.44
N VAL A 164 15.83 32.89 -15.69
CA VAL A 164 15.82 31.44 -15.83
C VAL A 164 15.17 30.77 -14.62
N ILE A 165 15.51 31.27 -13.43
CA ILE A 165 14.94 30.74 -12.19
C ILE A 165 13.51 31.23 -11.98
N GLN A 166 13.31 32.55 -12.13
CA GLN A 166 12.02 33.17 -11.88
C GLN A 166 10.90 32.68 -12.79
N ASN A 167 11.21 32.52 -14.08
CA ASN A 167 10.22 32.09 -15.06
C ASN A 167 9.98 30.59 -15.09
N PHE A 168 10.65 29.85 -14.23
CA PHE A 168 10.48 28.40 -14.22
C PHE A 168 9.16 27.99 -13.59
N SER A 169 8.42 27.13 -14.29
CA SER A 169 7.13 26.65 -13.83
C SER A 169 7.16 25.13 -13.72
N TYR A 170 7.12 24.63 -12.48
CA TYR A 170 7.14 23.18 -12.28
C TYR A 170 5.89 22.50 -12.85
N GLU A 171 4.76 23.19 -12.76
CA GLU A 171 3.51 22.71 -13.34
C GLU A 171 3.65 22.52 -14.86
N THR A 172 4.19 23.55 -15.52
CA THR A 172 4.41 23.49 -16.96
C THR A 172 5.34 22.32 -17.30
N PHE A 173 6.44 22.21 -16.55
CA PHE A 173 7.40 21.13 -16.74
C PHE A 173 6.79 19.74 -16.59
N GLN A 174 6.11 19.48 -15.48
CA GLN A 174 5.57 18.15 -15.21
C GLN A 174 4.46 17.75 -16.20
N GLN A 175 3.70 18.73 -16.67
CA GLN A 175 2.68 18.48 -17.68
C GLN A 175 3.28 18.21 -19.07
N LYS A 176 4.42 18.83 -19.38
CA LYS A 176 5.15 18.52 -20.61
C LYS A 176 5.71 17.10 -20.58
N MET A 177 6.19 16.70 -19.41
CA MET A 177 6.73 15.35 -19.22
C MET A 177 5.65 14.30 -19.36
N LEU A 178 4.47 14.58 -18.81
CA LEU A 178 3.33 13.69 -18.96
C LEU A 178 2.93 13.51 -20.44
N ARG A 179 2.84 14.62 -21.17
CA ARG A 179 2.48 14.57 -22.58
C ARG A 179 3.48 13.74 -23.38
N PHE A 180 4.75 13.90 -23.07
CA PHE A 180 5.80 13.12 -23.70
C PHE A 180 5.65 11.63 -23.41
N LEU A 181 5.46 11.29 -22.13
CA LEU A 181 5.35 9.91 -21.72
C LEU A 181 4.11 9.24 -22.28
N GLU A 182 2.98 9.96 -22.25
CA GLU A 182 1.72 9.44 -22.76
C GLU A 182 1.77 9.19 -24.27
N SER A 183 2.62 9.93 -24.97
CA SER A 183 2.71 9.81 -26.42
C SER A 183 3.31 8.48 -26.90
N HIS A 184 3.90 7.71 -25.99
CA HIS A 184 4.47 6.42 -26.34
C HIS A 184 3.63 5.26 -25.81
N LEU A 185 2.50 5.61 -25.20
CA LEU A 185 1.60 4.61 -24.64
C LEU A 185 0.41 4.39 -25.56
N ASP A 186 -0.13 3.18 -25.52
CA ASP A 186 -1.43 2.91 -26.13
C ASP A 186 -2.48 3.55 -25.24
N ASP A 187 -3.43 4.24 -25.85
CA ASP A 187 -4.46 4.94 -25.09
C ASP A 187 -5.75 4.12 -24.93
N ALA A 188 -5.61 2.79 -24.95
CA ALA A 188 -6.74 1.89 -24.78
C ALA A 188 -7.37 2.03 -23.39
N GLU A 189 -8.69 1.95 -23.34
CA GLU A 189 -9.42 1.97 -22.07
C GLU A 189 -9.20 0.64 -21.35
N PRO A 190 -8.90 0.70 -20.03
CA PRO A 190 -8.63 -0.55 -19.32
C PRO A 190 -9.90 -1.39 -19.16
N TYR A 191 -9.73 -2.71 -19.11
CA TYR A 191 -10.85 -3.65 -19.04
C TYR A 191 -11.83 -3.36 -17.91
N LEU A 192 -11.30 -3.12 -16.71
CA LEU A 192 -12.15 -2.88 -15.54
C LEU A 192 -13.01 -1.64 -15.67
N LEU A 193 -12.48 -0.61 -16.36
CA LEU A 193 -13.26 0.58 -16.62
C LEU A 193 -14.36 0.29 -17.65
N THR A 194 -14.01 -0.44 -18.69
CA THR A 194 -14.99 -0.88 -19.68
C THR A 194 -16.12 -1.66 -18.99
N MET A 195 -15.74 -2.56 -18.09
CA MET A 195 -16.71 -3.35 -17.35
C MET A 195 -17.60 -2.50 -16.45
N ALA A 196 -17.00 -1.52 -15.79
CA ALA A 196 -17.74 -0.60 -14.92
C ALA A 196 -18.78 0.22 -15.68
N LYS A 197 -18.41 0.72 -16.85
CA LYS A 197 -19.33 1.48 -17.68
C LYS A 197 -20.50 0.62 -18.13
N LYS A 198 -20.22 -0.64 -18.43
CA LYS A 198 -21.26 -1.62 -18.76
C LYS A 198 -22.22 -1.79 -17.59
N ALA A 199 -21.66 -2.09 -16.42
CA ALA A 199 -22.46 -2.35 -15.21
C ALA A 199 -23.36 -1.19 -14.83
N LEU A 200 -22.88 0.03 -15.07
CA LEU A 200 -23.59 1.23 -14.66
C LEU A 200 -24.48 1.80 -15.78
N GLU B 1 -21.11 11.99 -6.89
CA GLU B 1 -22.11 11.02 -6.40
C GLU B 1 -22.18 9.87 -7.34
N ALA B 2 -21.04 9.44 -7.83
CA ALA B 2 -21.09 8.56 -8.94
C ALA B 2 -20.20 7.38 -8.76
N ARG B 3 -20.73 6.27 -9.22
CA ARG B 3 -20.20 5.01 -8.87
C ARG B 3 -18.96 4.62 -9.69
N LEU B 4 -18.61 5.36 -10.74
CA LEU B 4 -17.62 4.84 -11.71
C LEU B 4 -16.30 4.30 -11.14
N GLU B 5 -15.46 5.16 -10.56
CA GLU B 5 -14.24 4.66 -9.91
C GLU B 5 -14.59 3.82 -8.68
N GLU B 6 -15.63 4.24 -7.96
CA GLU B 6 -16.12 3.51 -6.78
C GLU B 6 -16.50 2.07 -7.11
N ALA B 7 -17.17 1.88 -8.24
CA ALA B 7 -17.60 0.55 -8.66
C ALA B 7 -16.40 -0.37 -8.86
N VAL B 8 -15.38 0.11 -9.58
CA VAL B 8 -14.17 -0.68 -9.78
C VAL B 8 -13.46 -0.92 -8.46
N ASN B 9 -13.33 0.14 -7.66
CA ASN B 9 -12.69 0.02 -6.34
C ASN B 9 -13.36 -1.04 -5.44
N ARG B 10 -14.70 -1.09 -5.46
CA ARG B 10 -15.44 -2.12 -4.73
C ARG B 10 -15.10 -3.52 -5.24
N TRP B 11 -15.09 -3.69 -6.56
CA TRP B 11 -14.71 -4.96 -7.18
C TRP B 11 -13.32 -5.39 -6.75
N VAL B 12 -12.40 -4.43 -6.75
CA VAL B 12 -11.01 -4.68 -6.37
C VAL B 12 -10.92 -5.04 -4.88
N LEU B 13 -11.58 -4.27 -4.03
CA LEU B 13 -11.59 -4.55 -2.59
C LEU B 13 -12.14 -5.94 -2.28
N LYS B 14 -13.26 -6.30 -2.92
CA LYS B 14 -13.91 -7.59 -2.68
C LYS B 14 -13.09 -8.75 -3.25
N PHE B 15 -12.39 -8.50 -4.35
CA PHE B 15 -11.50 -9.51 -4.90
C PHE B 15 -10.35 -9.84 -3.95
N TYR B 16 -9.68 -8.81 -3.45
CA TYR B 16 -8.55 -9.03 -2.56
C TYR B 16 -8.98 -9.55 -1.20
N PHE B 17 -10.17 -9.14 -0.75
CA PHE B 17 -10.75 -9.70 0.47
C PHE B 17 -10.90 -11.22 0.31
N HIS B 18 -11.48 -11.64 -0.80
CA HIS B 18 -11.63 -13.06 -1.09
C HIS B 18 -10.29 -13.79 -1.09
N GLU B 19 -9.28 -13.17 -1.73
CA GLU B 19 -7.94 -13.76 -1.82
C GLU B 19 -7.23 -13.80 -0.49
N ALA B 20 -7.50 -12.81 0.36
CA ALA B 20 -6.92 -12.76 1.69
C ALA B 20 -7.46 -13.88 2.56
N LEU B 21 -8.77 -14.10 2.50
CA LEU B 21 -9.41 -15.19 3.24
C LEU B 21 -8.85 -16.51 2.75
N ARG B 22 -8.74 -16.65 1.43
CA ARG B 22 -8.22 -17.85 0.82
C ARG B 22 -6.80 -18.15 1.30
N ALA B 23 -5.95 -17.14 1.29
CA ALA B 23 -4.57 -17.26 1.77
C ALA B 23 -4.52 -17.64 3.25
N PHE B 24 -5.27 -16.93 4.10
CA PHE B 24 -5.32 -17.24 5.53
C PHE B 24 -5.73 -18.69 5.76
N ARG B 25 -6.74 -19.14 5.00
CA ARG B 25 -7.28 -20.49 5.12
C ARG B 25 -6.26 -21.58 4.77
N GLY B 26 -5.39 -21.29 3.80
CA GLY B 26 -4.33 -22.21 3.42
C GLY B 26 -3.06 -22.02 4.24
N SER B 27 -3.16 -21.21 5.28
CA SER B 27 -2.02 -20.86 6.15
C SER B 27 -0.90 -20.17 5.37
N ARG B 28 -1.28 -19.38 4.37
CA ARG B 28 -0.31 -18.61 3.61
C ARG B 28 -0.35 -17.15 4.07
N TYR B 29 0.23 -16.93 5.25
CA TYR B 29 0.14 -15.66 5.96
C TYR B 29 0.98 -14.57 5.32
N GLY B 30 2.08 -14.97 4.67
CA GLY B 30 2.88 -14.06 3.86
C GLY B 30 2.03 -13.46 2.76
N ASP B 31 1.33 -14.31 2.02
CA ASP B 31 0.40 -13.85 0.99
C ASP B 31 -0.72 -12.99 1.59
N PHE B 32 -1.28 -13.42 2.73
CA PHE B 32 -2.30 -12.64 3.43
C PHE B 32 -1.83 -11.20 3.71
N ARG B 33 -0.65 -11.07 4.31
CA ARG B 33 -0.09 -9.76 4.65
C ARG B 33 0.10 -8.87 3.42
N GLN B 34 0.57 -9.44 2.32
CA GLN B 34 0.75 -8.71 1.07
C GLN B 34 -0.57 -8.17 0.55
N ILE B 35 -1.60 -9.00 0.64
CA ILE B 35 -2.94 -8.64 0.18
C ILE B 35 -3.56 -7.58 1.11
N ARG B 36 -3.37 -7.77 2.42
CA ARG B 36 -3.75 -6.79 3.44
C ARG B 36 -3.23 -5.40 3.08
N ASP B 37 -1.94 -5.33 2.74
CA ASP B 37 -1.28 -4.08 2.43
C ASP B 37 -1.87 -3.40 1.20
N ILE B 38 -2.29 -4.20 0.21
CA ILE B 38 -2.99 -3.65 -0.95
C ILE B 38 -4.32 -3.04 -0.52
N MET B 39 -5.04 -3.78 0.32
CA MET B 39 -6.34 -3.34 0.80
C MET B 39 -6.21 -2.08 1.66
N GLN B 40 -5.17 -2.01 2.48
CA GLN B 40 -4.89 -0.81 3.25
C GLN B 40 -4.75 0.40 2.33
N ALA B 41 -4.00 0.21 1.25
CA ALA B 41 -3.76 1.29 0.28
C ALA B 41 -5.05 1.73 -0.43
N LEU B 42 -5.96 0.78 -0.64
CA LEU B 42 -7.24 1.08 -1.31
C LEU B 42 -8.16 1.96 -0.47
N LEU B 43 -8.01 1.89 0.86
CA LEU B 43 -8.94 2.55 1.77
C LEU B 43 -9.01 4.07 1.64
N VAL B 44 -7.98 4.68 1.05
CA VAL B 44 -7.98 6.13 0.82
C VAL B 44 -8.81 6.53 -0.40
N ARG B 45 -9.19 5.54 -1.22
CA ARG B 45 -9.91 5.80 -2.46
C ARG B 45 -11.42 5.72 -2.24
N PRO B 46 -12.21 6.40 -3.09
CA PRO B 46 -13.67 6.33 -3.01
C PRO B 46 -14.17 4.90 -3.20
N LEU B 47 -14.92 4.40 -2.22
CA LEU B 47 -15.42 3.04 -2.26
C LEU B 47 -16.93 3.03 -2.23
N GLY B 48 -17.54 4.19 -2.04
CA GLY B 48 -18.97 4.30 -1.81
C GLY B 48 -19.34 3.48 -0.60
N LYS B 49 -18.47 3.52 0.42
CA LYS B 49 -18.59 2.69 1.60
C LYS B 49 -19.98 2.77 2.22
N GLU B 50 -20.55 1.59 2.47
CA GLU B 50 -21.81 1.45 3.16
C GLU B 50 -21.60 0.35 4.22
N HIS B 51 -22.68 -0.31 4.65
CA HIS B 51 -22.57 -1.31 5.70
C HIS B 51 -21.87 -2.63 5.28
N THR B 52 -22.03 -3.03 4.03
CA THR B 52 -21.39 -4.26 3.53
C THR B 52 -19.86 -4.14 3.38
N VAL B 53 -19.39 -3.01 2.85
CA VAL B 53 -17.96 -2.71 2.80
C VAL B 53 -17.42 -2.64 4.23
N SER B 54 -18.16 -1.93 5.10
CA SER B 54 -17.78 -1.80 6.50
C SER B 54 -17.64 -3.17 7.17
N ARG B 55 -18.56 -4.08 6.85
CA ARG B 55 -18.57 -5.42 7.43
C ARG B 55 -17.35 -6.23 7.03
N LEU B 56 -17.05 -6.18 5.73
CA LEU B 56 -15.88 -6.82 5.15
C LEU B 56 -14.58 -6.31 5.81
N LEU B 57 -14.51 -5.00 6.01
CA LEU B 57 -13.31 -4.37 6.55
C LEU B 57 -13.07 -4.72 8.02
N ARG B 58 -14.15 -4.82 8.80
CA ARG B 58 -14.07 -5.25 10.19
C ARG B 58 -13.51 -6.68 10.29
N VAL B 59 -14.03 -7.58 9.47
CA VAL B 59 -13.55 -8.96 9.42
C VAL B 59 -12.07 -8.96 9.04
N MET B 60 -11.73 -8.17 8.02
CA MET B 60 -10.35 -8.05 7.57
C MET B 60 -9.46 -7.46 8.66
N GLN B 61 -9.97 -6.48 9.41
CA GLN B 61 -9.25 -5.92 10.54
C GLN B 61 -8.92 -6.98 11.57
N CYS B 62 -9.93 -7.77 11.91
CA CYS B 62 -9.79 -8.78 12.96
C CYS B 62 -8.73 -9.83 12.58
N LEU B 63 -8.83 -10.33 11.35
CA LEU B 63 -7.84 -11.28 10.81
C LEU B 63 -6.43 -10.71 10.76
N SER B 64 -6.30 -9.44 10.38
CA SER B 64 -5.00 -8.80 10.30
C SER B 64 -4.36 -8.68 11.69
N ARG B 65 -5.18 -8.37 12.68
CA ARG B 65 -4.70 -8.33 14.07
C ARG B 65 -4.31 -9.71 14.59
N ILE B 66 -5.10 -10.72 14.24
CA ILE B 66 -4.79 -12.10 14.61
C ILE B 66 -3.50 -12.58 13.94
N GLU B 67 -3.32 -12.23 12.67
CA GLU B 67 -2.13 -12.63 11.94
C GLU B 67 -0.85 -11.99 12.50
N GLU B 68 -1.00 -10.83 13.14
CA GLU B 68 0.14 -10.17 13.80
C GLU B 68 0.17 -10.45 15.30
N GLY B 69 -0.75 -11.31 15.76
CA GLY B 69 -0.96 -11.53 17.19
C GLY B 69 0.22 -12.04 17.99
N GLU B 70 1.11 -12.78 17.33
CA GLU B 70 2.31 -13.28 18.00
C GLU B 70 3.40 -12.23 18.07
N ASN B 71 3.23 -11.13 17.33
CA ASN B 71 4.21 -10.06 17.29
C ASN B 71 3.81 -8.95 18.26
N LEU B 72 4.33 -9.01 19.48
CA LEU B 72 3.99 -8.04 20.51
C LEU B 72 4.63 -6.68 20.30
N ASP B 73 5.67 -6.63 19.47
CA ASP B 73 6.36 -5.39 19.18
C ASP B 73 5.53 -4.42 18.35
N CYS B 74 4.52 -4.93 17.65
CA CYS B 74 3.71 -4.10 16.77
C CYS B 74 2.36 -3.73 17.38
N SER B 75 1.77 -2.64 16.87
CA SER B 75 0.52 -2.12 17.43
C SER B 75 -0.40 -1.53 16.38
N PHE B 76 -1.69 -1.71 16.59
CA PHE B 76 -2.72 -1.25 15.68
C PHE B 76 -3.45 -0.04 16.25
N ASP B 77 -3.18 0.25 17.52
CA ASP B 77 -3.84 1.35 18.22
C ASP B 77 -3.00 2.61 18.25
N MET B 78 -3.62 3.74 17.94
CA MET B 78 -2.97 5.06 18.05
C MET B 78 -2.42 5.24 19.45
N GLU B 79 -3.22 4.85 20.44
CA GLU B 79 -2.71 4.60 21.75
C GLU B 79 -1.94 3.31 21.62
N ALA B 80 -0.70 3.41 21.14
CA ALA B 80 0.11 2.25 20.80
C ALA B 80 0.44 1.42 22.04
N GLU B 81 -0.56 1.19 22.87
CA GLU B 81 -0.37 0.51 24.13
C GLU B 81 -1.18 -0.78 24.19
N LEU B 82 -1.68 -1.21 23.04
CA LEU B 82 -2.44 -2.43 22.95
C LEU B 82 -1.67 -3.47 22.17
N THR B 83 -1.64 -4.69 22.66
CA THR B 83 -1.09 -5.81 21.88
C THR B 83 -2.06 -6.10 20.73
N PRO B 84 -1.57 -6.68 19.64
CA PRO B 84 -2.43 -6.99 18.49
C PRO B 84 -3.72 -7.73 18.85
N LEU B 85 -3.63 -8.76 19.71
CA LEU B 85 -4.79 -9.55 20.08
C LEU B 85 -5.82 -8.79 20.94
N GLU B 86 -5.33 -7.83 21.72
CA GLU B 86 -6.21 -6.91 22.44
C GLU B 86 -7.03 -6.08 21.46
N SER B 87 -6.37 -5.59 20.41
CA SER B 87 -7.07 -4.86 19.34
C SER B 87 -8.06 -5.78 18.65
N ALA B 88 -7.69 -7.05 18.50
CA ALA B 88 -8.56 -8.05 17.89
C ALA B 88 -9.85 -8.21 18.70
N ILE B 89 -9.71 -8.26 20.03
CA ILE B 89 -10.86 -8.27 20.94
C ILE B 89 -11.77 -7.07 20.64
N ASN B 90 -11.17 -5.90 20.52
CA ASN B 90 -11.90 -4.67 20.23
C ASN B 90 -12.68 -4.75 18.93
N VAL B 91 -12.05 -5.29 17.90
CA VAL B 91 -12.68 -5.41 16.58
C VAL B 91 -13.81 -6.44 16.60
N LEU B 92 -13.65 -7.48 17.42
CA LEU B 92 -14.69 -8.51 17.52
C LEU B 92 -15.99 -7.91 18.06
N GLU B 93 -15.87 -6.94 18.97
CA GLU B 93 -17.04 -6.21 19.46
C GLU B 93 -17.72 -5.42 18.35
N MET B 94 -16.92 -4.81 17.47
CA MET B 94 -17.47 -4.12 16.30
C MET B 94 -18.11 -5.11 15.34
N ILE B 95 -17.50 -6.28 15.21
CA ILE B 95 -18.06 -7.35 14.39
C ILE B 95 -19.42 -7.80 14.94
N LYS B 96 -19.50 -7.94 16.27
CA LYS B 96 -20.77 -8.28 16.92
C LYS B 96 -21.85 -7.27 16.56
N THR B 97 -21.50 -5.99 16.59
CA THR B 97 -22.43 -4.91 16.30
C THR B 97 -22.85 -4.85 14.83
N GLU B 98 -21.88 -4.87 13.93
CA GLU B 98 -22.15 -4.67 12.51
C GLU B 98 -22.73 -5.91 11.81
N PHE B 99 -22.56 -7.07 12.44
CA PHE B 99 -23.18 -8.29 11.96
C PHE B 99 -24.42 -8.65 12.79
N THR B 100 -24.71 -7.81 13.79
CA THR B 100 -25.82 -8.02 14.73
C THR B 100 -25.87 -9.44 15.28
N LEU B 101 -24.80 -9.85 15.94
CA LEU B 101 -24.68 -11.20 16.47
C LEU B 101 -25.11 -11.24 17.92
N THR B 102 -25.62 -12.39 18.35
CA THR B 102 -25.98 -12.60 19.75
C THR B 102 -24.71 -12.71 20.58
N GLU B 103 -24.83 -12.48 21.88
CA GLU B 103 -23.72 -12.68 22.80
C GLU B 103 -23.32 -14.15 22.80
N ALA B 104 -24.32 -15.03 22.75
CA ALA B 104 -24.12 -16.47 22.71
C ALA B 104 -23.25 -16.92 21.52
N VAL B 105 -23.42 -16.25 20.39
CA VAL B 105 -22.67 -16.60 19.19
C VAL B 105 -21.22 -16.14 19.25
N VAL B 106 -20.98 -14.99 19.87
CA VAL B 106 -19.65 -14.37 19.91
C VAL B 106 -18.82 -14.81 21.12
N GLU B 107 -19.50 -15.11 22.23
CA GLU B 107 -18.84 -15.44 23.50
C GLU B 107 -17.72 -16.47 23.37
N SER B 108 -17.99 -17.55 22.65
CA SER B 108 -17.02 -18.64 22.47
C SER B 108 -15.76 -18.15 21.78
N SER B 109 -15.93 -17.37 20.73
CA SER B 109 -14.79 -16.88 19.97
C SER B 109 -14.05 -15.77 20.69
N ARG B 110 -14.80 -14.93 21.41
CA ARG B 110 -14.18 -13.90 22.22
C ARG B 110 -13.27 -14.54 23.28
N LYS B 111 -13.74 -15.64 23.87
CA LYS B 111 -12.96 -16.40 24.86
C LYS B 111 -11.62 -16.88 24.29
N LEU B 112 -11.65 -17.39 23.05
CA LEU B 112 -10.44 -17.85 22.37
C LEU B 112 -9.43 -16.71 22.22
N VAL B 113 -9.89 -15.58 21.72
CA VAL B 113 -9.02 -14.41 21.52
C VAL B 113 -8.43 -13.95 22.85
N LYS B 114 -9.27 -13.86 23.88
CA LYS B 114 -8.80 -13.48 25.22
C LYS B 114 -7.77 -14.46 25.76
N GLU B 115 -8.03 -15.75 25.57
CA GLU B 115 -7.11 -16.81 25.99
C GLU B 115 -5.77 -16.66 25.28
N ALA B 116 -5.83 -16.49 23.96
CA ALA B 116 -4.64 -16.32 23.12
C ALA B 116 -3.86 -15.07 23.54
N ALA B 117 -4.57 -13.97 23.79
CA ALA B 117 -3.94 -12.71 24.16
C ALA B 117 -3.08 -12.85 25.41
N VAL B 118 -3.61 -13.54 26.41
CA VAL B 118 -2.89 -13.78 27.66
C VAL B 118 -1.72 -14.74 27.47
N ILE B 119 -1.99 -15.86 26.78
CA ILE B 119 -0.98 -16.90 26.58
C ILE B 119 0.23 -16.38 25.78
N ILE B 120 -0.02 -15.62 24.72
CA ILE B 120 1.05 -15.05 23.91
C ILE B 120 1.98 -14.15 24.74
N CYS B 121 1.40 -13.31 25.59
CA CYS B 121 2.19 -12.49 26.51
C CYS B 121 3.02 -13.35 27.46
N ILE B 122 2.41 -14.42 27.97
CA ILE B 122 3.12 -15.36 28.86
C ILE B 122 4.29 -16.02 28.16
N LYS B 123 4.06 -16.52 26.94
CA LYS B 123 5.10 -17.20 26.16
C LYS B 123 6.27 -16.27 25.83
N ASN B 124 5.98 -14.97 25.74
CA ASN B 124 6.99 -13.95 25.51
C ASN B 124 7.55 -13.39 26.82
N LYS B 125 7.16 -14.03 27.93
CA LYS B 125 7.55 -13.61 29.29
C LYS B 125 7.16 -12.16 29.60
N GLU B 126 6.06 -11.70 28.98
CA GLU B 126 5.51 -10.39 29.26
C GLU B 126 4.42 -10.55 30.31
N PHE B 127 4.83 -10.81 31.55
CA PHE B 127 3.90 -11.19 32.60
C PHE B 127 2.99 -10.06 33.07
N GLU B 128 3.52 -8.85 33.13
CA GLU B 128 2.72 -7.69 33.52
C GLU B 128 1.63 -7.40 32.48
N LYS B 129 1.96 -7.55 31.20
CA LYS B 129 0.97 -7.39 30.13
C LYS B 129 -0.12 -8.44 30.20
N ALA B 130 0.29 -9.70 30.35
CA ALA B 130 -0.65 -10.82 30.48
C ALA B 130 -1.59 -10.60 31.66
N SER B 131 -1.02 -10.17 32.78
CA SER B 131 -1.77 -9.88 34.00
C SER B 131 -2.80 -8.79 33.77
N LYS B 132 -2.40 -7.73 33.07
CA LYS B 132 -3.30 -6.63 32.73
C LYS B 132 -4.43 -7.08 31.80
N ILE B 133 -4.08 -7.87 30.79
CA ILE B 133 -5.06 -8.41 29.84
C ILE B 133 -6.06 -9.31 30.56
N LEU B 134 -5.55 -10.22 31.38
CA LEU B 134 -6.36 -11.14 32.15
C LEU B 134 -7.34 -10.39 33.05
N LYS B 135 -6.84 -9.39 33.77
CA LYS B 135 -7.66 -8.51 34.60
C LYS B 135 -8.76 -7.83 33.79
N LYS B 136 -8.37 -7.22 32.67
CA LYS B 136 -9.26 -6.38 31.87
C LYS B 136 -10.38 -7.14 31.15
N HIS B 137 -10.08 -8.35 30.66
CA HIS B 137 -11.00 -9.05 29.78
C HIS B 137 -11.59 -10.35 30.33
N MET B 138 -10.96 -10.93 31.34
CA MET B 138 -11.39 -12.21 31.86
C MET B 138 -11.92 -12.14 33.29
N SER B 139 -12.07 -10.92 33.82
CA SER B 139 -12.53 -10.71 35.19
C SER B 139 -13.92 -11.29 35.44
N PRO B 142 -16.52 -16.40 35.22
CA PRO B 142 -17.80 -16.95 35.67
C PRO B 142 -18.02 -18.36 35.15
N THR B 143 -17.73 -18.56 33.86
CA THR B 143 -17.88 -19.86 33.21
C THR B 143 -16.50 -20.48 32.98
N THR B 144 -15.61 -19.68 32.41
CA THR B 144 -14.22 -20.07 32.23
C THR B 144 -13.44 -19.69 33.48
N GLN B 145 -13.90 -20.22 34.62
CA GLN B 145 -13.27 -19.95 35.91
C GLN B 145 -11.99 -20.74 36.08
N LYS B 146 -12.03 -22.00 35.68
CA LYS B 146 -10.88 -22.89 35.77
C LYS B 146 -9.69 -22.34 34.98
N LEU B 147 -9.98 -21.83 33.79
CA LEU B 147 -8.95 -21.25 32.93
C LEU B 147 -8.38 -19.95 33.48
N ARG B 148 -9.26 -19.02 33.85
CA ARG B 148 -8.85 -17.74 34.42
C ARG B 148 -7.97 -17.94 35.64
N ASN B 149 -8.33 -18.92 36.47
CA ASN B 149 -7.55 -19.27 37.65
C ASN B 149 -6.22 -19.93 37.31
N ASP B 150 -6.23 -20.81 36.31
CA ASP B 150 -5.01 -21.41 35.79
C ASP B 150 -4.05 -20.34 35.30
N LEU B 151 -4.56 -19.46 34.46
CA LEU B 151 -3.77 -18.36 33.91
C LEU B 151 -3.26 -17.42 34.99
N LEU B 152 -4.09 -17.15 36.00
CA LEU B 152 -3.67 -16.31 37.12
C LEU B 152 -2.52 -16.91 37.92
N ASN B 153 -2.56 -18.23 38.11
CA ASN B 153 -1.48 -18.93 38.81
C ASN B 153 -0.23 -19.04 37.94
N ILE B 154 -0.44 -19.32 36.65
CA ILE B 154 0.66 -19.36 35.68
C ILE B 154 1.44 -18.04 35.67
N ILE B 155 0.71 -16.92 35.65
CA ILE B 155 1.30 -15.58 35.66
C ILE B 155 2.08 -15.32 36.95
N ARG B 156 1.37 -15.50 38.08
CA ARG B 156 1.94 -15.28 39.41
C ARG B 156 3.22 -16.09 39.62
N GLU B 157 3.21 -17.32 39.12
CA GLU B 157 4.31 -18.26 39.32
C GLU B 157 5.30 -18.28 38.14
N LYS B 158 5.02 -17.50 37.11
CA LYS B 158 5.83 -17.46 35.88
C LYS B 158 6.07 -18.86 35.34
N ASN B 159 5.00 -19.66 35.28
CA ASN B 159 5.09 -21.06 34.92
C ASN B 159 4.78 -21.31 33.45
N LEU B 160 5.78 -21.11 32.59
CA LEU B 160 5.64 -21.37 31.16
C LEU B 160 5.57 -22.86 30.86
N ALA B 161 6.03 -23.67 31.80
CA ALA B 161 6.04 -25.12 31.64
C ALA B 161 4.64 -25.74 31.69
N HIS B 162 3.69 -24.96 32.21
CA HIS B 162 2.32 -25.43 32.42
C HIS B 162 1.70 -25.99 31.13
N PRO B 163 0.89 -27.07 31.27
CA PRO B 163 0.16 -27.67 30.14
C PRO B 163 -0.64 -26.64 29.34
N VAL B 164 -1.34 -25.74 30.01
CA VAL B 164 -2.13 -24.69 29.34
C VAL B 164 -1.27 -23.89 28.36
N ILE B 165 -0.05 -23.57 28.77
CA ILE B 165 0.88 -22.82 27.93
C ILE B 165 1.50 -23.71 26.85
N GLN B 166 1.98 -24.89 27.24
CA GLN B 166 2.64 -25.80 26.32
C GLN B 166 1.72 -26.40 25.26
N ASN B 167 0.46 -26.67 25.65
CA ASN B 167 -0.53 -27.23 24.73
C ASN B 167 -1.11 -26.20 23.76
N PHE B 168 -0.84 -24.93 24.01
CA PHE B 168 -1.42 -23.88 23.18
C PHE B 168 -0.82 -23.87 21.78
N SER B 169 -1.71 -23.83 20.79
CA SER B 169 -1.31 -23.80 19.40
C SER B 169 -1.87 -22.56 18.72
N TYR B 170 -1.01 -21.62 18.36
CA TYR B 170 -1.48 -20.40 17.70
C TYR B 170 -2.11 -20.72 16.35
N GLU B 171 -1.56 -21.70 15.65
CA GLU B 171 -2.10 -22.13 14.37
C GLU B 171 -3.54 -22.62 14.51
N THR B 172 -3.77 -23.50 15.47
CA THR B 172 -5.12 -23.99 15.76
C THR B 172 -6.06 -22.83 16.10
N PHE B 173 -5.57 -21.91 16.94
CA PHE B 173 -6.35 -20.74 17.34
C PHE B 173 -6.76 -19.87 16.16
N GLN B 174 -5.79 -19.49 15.32
CA GLN B 174 -6.09 -18.56 14.24
C GLN B 174 -7.00 -19.17 13.18
N GLN B 175 -6.85 -20.47 12.95
CA GLN B 175 -7.72 -21.17 12.01
C GLN B 175 -9.14 -21.31 12.57
N LYS B 176 -9.27 -21.44 13.88
CA LYS B 176 -10.58 -21.43 14.53
C LYS B 176 -11.25 -20.07 14.38
N MET B 177 -10.47 -19.00 14.50
CA MET B 177 -11.01 -17.66 14.35
C MET B 177 -11.49 -17.38 12.93
N LEU B 178 -10.74 -17.86 11.95
CA LEU B 178 -11.13 -17.72 10.56
C LEU B 178 -12.45 -18.44 10.27
N ARG B 179 -12.59 -19.65 10.79
CA ARG B 179 -13.82 -20.41 10.60
C ARG B 179 -15.01 -19.66 11.18
N PHE B 180 -14.82 -19.10 12.38
CA PHE B 180 -15.87 -18.30 13.00
C PHE B 180 -16.22 -17.09 12.14
N LEU B 181 -15.20 -16.31 11.77
CA LEU B 181 -15.42 -15.11 10.98
C LEU B 181 -16.06 -15.42 9.63
N GLU B 182 -15.60 -16.49 8.98
CA GLU B 182 -16.13 -16.87 7.67
C GLU B 182 -17.58 -17.35 7.72
N SER B 183 -18.01 -17.86 8.87
CA SER B 183 -19.37 -18.37 9.02
C SER B 183 -20.45 -17.27 8.98
N HIS B 184 -20.03 -16.01 9.06
CA HIS B 184 -20.98 -14.89 9.01
C HIS B 184 -20.93 -14.12 7.69
N LEU B 185 -20.11 -14.59 6.75
CA LEU B 185 -19.92 -13.93 5.46
C LEU B 185 -20.64 -14.67 4.34
N ASP B 186 -20.97 -13.94 3.26
CA ASP B 186 -21.47 -14.55 2.03
C ASP B 186 -20.32 -15.30 1.38
N ASP B 187 -20.62 -16.47 0.83
CA ASP B 187 -19.58 -17.26 0.16
C ASP B 187 -19.59 -17.05 -1.35
N ALA B 188 -19.97 -15.86 -1.78
CA ALA B 188 -20.01 -15.54 -3.21
C ALA B 188 -18.61 -15.34 -3.77
N GLU B 189 -18.41 -15.82 -5.00
CA GLU B 189 -17.18 -15.59 -5.73
C GLU B 189 -17.17 -14.14 -6.19
N PRO B 190 -16.04 -13.43 -5.99
CA PRO B 190 -15.99 -12.03 -6.42
C PRO B 190 -16.06 -11.89 -7.92
N TYR B 191 -16.69 -10.81 -8.37
CA TYR B 191 -16.89 -10.54 -9.78
C TYR B 191 -15.61 -10.64 -10.60
N LEU B 192 -14.52 -10.04 -10.14
CA LEU B 192 -13.25 -10.06 -10.87
C LEU B 192 -12.71 -11.47 -11.13
N LEU B 193 -12.89 -12.36 -10.15
CA LEU B 193 -12.50 -13.74 -10.29
C LEU B 193 -13.38 -14.46 -11.31
N THR B 194 -14.69 -14.21 -11.24
CA THR B 194 -15.65 -14.76 -12.20
C THR B 194 -15.26 -14.36 -13.64
N MET B 195 -14.91 -13.09 -13.81
CA MET B 195 -14.51 -12.58 -15.12
C MET B 195 -13.20 -13.20 -15.60
N ALA B 196 -12.27 -13.39 -14.66
CA ALA B 196 -10.97 -13.98 -14.97
C ALA B 196 -11.09 -15.45 -15.37
N LYS B 197 -12.01 -16.17 -14.72
CA LYS B 197 -12.30 -17.55 -15.08
C LYS B 197 -12.89 -17.61 -16.49
N LYS B 198 -13.81 -16.69 -16.79
CA LYS B 198 -14.38 -16.57 -18.13
C LYS B 198 -13.31 -16.30 -19.18
N ALA B 199 -12.40 -15.38 -18.87
CA ALA B 199 -11.32 -15.01 -19.78
C ALA B 199 -10.28 -16.12 -19.90
N LEU B 200 -10.12 -16.89 -18.82
CA LEU B 200 -9.07 -17.90 -18.64
C LEU B 200 -7.73 -17.27 -18.23
N SER C 1 18.44 -11.86 -5.39
CA SER C 1 17.87 -10.75 -6.21
C SER C 1 16.57 -10.24 -5.62
N ARG C 2 16.35 -8.94 -5.79
CA ARG C 2 15.15 -8.30 -5.28
C ARG C 2 14.10 -8.17 -6.38
N GLY C 3 12.83 -8.35 -5.99
CA GLY C 3 11.73 -8.39 -6.94
C GLY C 3 11.27 -7.05 -7.45
N LEU C 4 10.10 -7.08 -8.09
CA LEU C 4 9.52 -5.92 -8.77
C LEU C 4 9.33 -4.71 -7.88
N GLU C 5 8.91 -4.95 -6.64
CA GLU C 5 8.63 -3.88 -5.70
C GLU C 5 9.90 -3.06 -5.41
N VAL C 6 11.05 -3.64 -5.69
CA VAL C 6 12.31 -2.95 -5.51
C VAL C 6 12.82 -2.42 -6.84
N SER C 7 12.89 -3.28 -7.85
CA SER C 7 13.49 -2.90 -9.13
C SER C 7 12.63 -1.93 -9.94
N HIS C 8 11.31 -1.99 -9.73
CA HIS C 8 10.39 -1.08 -10.41
C HIS C 8 9.66 -0.23 -9.37
N ARG C 9 10.38 0.06 -8.29
CA ARG C 9 9.83 0.79 -7.16
C ARG C 9 9.22 2.10 -7.59
N LEU C 10 7.98 2.32 -7.18
CA LEU C 10 7.21 3.49 -7.58
C LEU C 10 7.25 4.60 -6.53
N ALA C 11 7.08 4.21 -5.26
CA ALA C 11 7.07 5.15 -4.14
C ALA C 11 8.48 5.42 -3.64
N PRO C 12 8.72 6.61 -3.06
CA PRO C 12 10.05 6.85 -2.49
C PRO C 12 10.33 5.95 -1.29
N TRP C 13 11.61 5.67 -1.03
CA TRP C 13 11.99 4.83 0.11
C TRP C 13 11.67 5.54 1.42
N SER D 1 -12.26 14.92 11.03
CA SER D 1 -12.34 13.47 11.32
C SER D 1 -11.41 12.69 10.39
N ARG D 2 -11.08 11.47 10.80
CA ARG D 2 -10.19 10.61 10.04
C ARG D 2 -10.97 9.59 9.22
N GLY D 3 -10.53 9.40 7.97
CA GLY D 3 -11.22 8.54 7.03
C GLY D 3 -11.03 7.05 7.28
N LEU D 4 -11.49 6.26 6.32
CA LEU D 4 -11.52 4.80 6.38
C LEU D 4 -10.16 4.18 6.66
N GLU D 5 -9.10 4.74 6.07
CA GLU D 5 -7.74 4.21 6.24
C GLU D 5 -7.31 4.25 7.70
N VAL D 6 -7.95 5.12 8.49
CA VAL D 6 -7.66 5.22 9.91
C VAL D 6 -8.68 4.44 10.74
N SER D 7 -9.95 4.75 10.58
CA SER D 7 -11.02 4.13 11.38
C SER D 7 -11.18 2.64 11.12
N HIS D 8 -10.88 2.22 9.88
CA HIS D 8 -10.94 0.81 9.51
C HIS D 8 -9.54 0.27 9.16
N ARG D 9 -8.52 0.87 9.77
CA ARG D 9 -7.11 0.52 9.54
C ARG D 9 -6.87 -0.98 9.59
N LEU D 10 -6.22 -1.51 8.55
CA LEU D 10 -5.97 -2.95 8.47
C LEU D 10 -4.58 -3.33 8.96
N ALA D 11 -3.58 -2.57 8.56
CA ALA D 11 -2.18 -2.87 8.89
C ALA D 11 -1.76 -2.16 10.17
N PRO D 12 -0.74 -2.68 10.87
CA PRO D 12 -0.29 -1.99 12.07
C PRO D 12 0.35 -0.64 11.76
N TRP D 13 0.36 0.25 12.75
CA TRP D 13 0.97 1.56 12.60
C TRP D 13 2.48 1.45 12.47
#